data_2PFG
#
_entry.id   2PFG
#
_cell.length_a   54.636
_cell.length_b   59.884
_cell.length_c   87.954
_cell.angle_alpha   90.00
_cell.angle_beta   90.00
_cell.angle_gamma   90.00
#
_symmetry.space_group_name_H-M   'P 21 21 21'
#
loop_
_entity.id
_entity.type
_entity.pdbx_description
1 polymer 'Carbonyl reductase [NADPH] 1'
2 non-polymer 'CHLORIDE ION'
3 non-polymer 'NADP NICOTINAMIDE-ADENINE-DINUCLEOTIDE PHOSPHATE'
4 non-polymer '(5R,10S)-5-{[(CARBOXYMETHYL)AMINO]CARBONYL}-7-OXO-3-THIA-1,6-DIAZABICYCLO[4.4.1]UNDECANE-10-CARBOXYLIC ACID'
5 non-polymer GLYCEROL
6 water water
#
_entity_poly.entity_id   1
_entity_poly.type   'polypeptide(L)'
_entity_poly.pdbx_seq_one_letter_code
;SSGIHVALVTGGNKGIGLAIVRDLCRLFSGDVVLTARDVTRGQAAVQQLQAEGLSPRFHQLDIDDLQSIRALRDFLRKEY
GGLDVLVNNAGIAFKVADPTPFHIQAEVTMKTNFFGTRDV(M0H)TELLPLIKPQGRVVNVSSIMSVRALKSCSPELQQK
FRSETITEEELVGLMNKFVEDTKKGVHQKEGWPSSAYGVTKIGVTVLSRIHARKLSEQRKGDKILLNACCPGWVRTDMAG
PKATKSPEEGAETPVYLALLPPDAEGPHGQFVSEKRVEQW
;
_entity_poly.pdbx_strand_id   A
#
# COMPACT_ATOMS: atom_id res chain seq x y z
C GLY A 3 2.78 24.91 5.03
N ILE A 4 1.85 24.55 5.91
CA ILE A 4 2.15 23.41 6.85
C ILE A 4 2.20 22.14 5.98
N HIS A 5 3.27 21.42 6.15
CA HIS A 5 3.47 20.14 5.42
C HIS A 5 2.60 19.06 6.11
N VAL A 6 2.21 18.01 5.36
CA VAL A 6 1.33 16.99 5.92
C VAL A 6 1.64 15.63 5.33
N ALA A 7 1.64 14.69 6.23
CA ALA A 7 1.86 13.28 5.91
C ALA A 7 0.62 12.50 6.38
N LEU A 8 0.29 11.43 5.67
CA LEU A 8 -0.89 10.65 6.05
C LEU A 8 -0.68 9.15 5.88
N VAL A 9 -1.23 8.34 6.84
CA VAL A 9 -1.03 6.89 6.75
C VAL A 9 -2.42 6.24 6.71
N THR A 10 -2.64 5.31 5.77
CA THR A 10 -3.94 4.60 5.77
C THR A 10 -3.79 3.33 6.65
N GLY A 11 -4.89 2.85 7.23
CA GLY A 11 -4.82 1.69 8.17
C GLY A 11 -3.84 2.05 9.30
N GLY A 12 -4.08 3.20 9.94
CA GLY A 12 -3.18 3.72 10.94
C GLY A 12 -3.43 3.35 12.39
N ASN A 13 -4.54 2.63 12.62
CA ASN A 13 -4.95 2.43 14.05
C ASN A 13 -4.18 1.30 14.76
N LYS A 14 -3.51 0.43 13.97
CA LYS A 14 -2.81 -0.71 14.60
C LYS A 14 -1.72 -1.18 13.68
N GLY A 15 -0.95 -2.18 14.15
CA GLY A 15 -0.02 -2.89 13.27
C GLY A 15 1.07 -1.95 12.75
N ILE A 16 1.53 -2.27 11.56
CA ILE A 16 2.64 -1.50 10.98
C ILE A 16 2.17 -0.02 10.79
N GLY A 17 0.91 0.25 10.39
CA GLY A 17 0.48 1.59 10.09
C GLY A 17 0.63 2.47 11.36
N LEU A 18 0.25 1.93 12.55
CA LEU A 18 0.39 2.71 13.76
C LEU A 18 1.88 3.04 14.01
N ALA A 19 2.73 2.02 13.83
CA ALA A 19 4.18 2.27 14.00
C ALA A 19 4.69 3.30 13.03
N ILE A 20 4.22 3.30 11.78
CA ILE A 20 4.66 4.34 10.75
C ILE A 20 4.21 5.71 11.32
N VAL A 21 2.93 5.81 11.77
CA VAL A 21 2.41 7.09 12.29
C VAL A 21 3.30 7.59 13.43
N ARG A 22 3.63 6.68 14.36
CA ARG A 22 4.46 7.11 15.46
C ARG A 22 5.81 7.69 14.98
N ASP A 23 6.46 6.97 14.04
CA ASP A 23 7.78 7.42 13.57
C ASP A 23 7.60 8.78 12.84
N LEU A 24 6.54 8.91 12.00
CA LEU A 24 6.34 10.19 11.33
C LEU A 24 6.08 11.32 12.36
N CYS A 25 5.29 11.05 13.41
CA CYS A 25 5.13 12.09 14.43
C CYS A 25 6.48 12.52 15.01
N ARG A 26 7.40 11.57 15.19
CA ARG A 26 8.75 11.95 15.75
C ARG A 26 9.59 12.73 14.74
N LEU A 27 9.50 12.37 13.44
CA LEU A 27 10.52 12.78 12.46
C LEU A 27 10.03 13.77 11.41
N PHE A 28 8.76 13.71 11.03
CA PHE A 28 8.31 14.44 9.84
C PHE A 28 8.06 15.90 10.23
N SER A 29 8.63 16.87 9.46
CA SER A 29 8.46 18.28 9.76
CA SER A 29 8.42 18.25 9.84
C SER A 29 7.10 18.73 9.23
N GLY A 30 6.07 18.66 10.04
CA GLY A 30 4.72 18.99 9.59
C GLY A 30 3.72 18.14 10.37
N ASP A 31 2.46 18.25 9.99
CA ASP A 31 1.39 17.50 10.64
C ASP A 31 1.39 16.04 10.14
N VAL A 32 0.92 15.12 10.99
CA VAL A 32 0.81 13.69 10.60
C VAL A 32 -0.62 13.31 10.88
N VAL A 33 -1.27 12.80 9.83
CA VAL A 33 -2.68 12.38 9.96
C VAL A 33 -2.74 10.87 10.03
N LEU A 34 -3.18 10.41 11.18
CA LEU A 34 -3.52 8.98 11.37
C LEU A 34 -4.92 8.81 10.77
N THR A 35 -5.09 7.89 9.80
CA THR A 35 -6.47 7.58 9.37
C THR A 35 -6.83 6.19 9.72
N ALA A 36 -8.12 5.94 9.85
CA ALA A 36 -8.59 4.58 10.17
C ALA A 36 -10.02 4.49 9.59
N ARG A 37 -10.46 3.25 9.28
CA ARG A 37 -11.86 3.10 8.81
C ARG A 37 -12.85 3.23 9.94
N ASP A 38 -12.44 2.81 11.15
CA ASP A 38 -13.31 2.88 12.32
C ASP A 38 -12.86 4.07 13.19
N VAL A 39 -13.78 5.00 13.43
CA VAL A 39 -13.41 6.24 14.14
C VAL A 39 -12.98 5.88 15.58
N THR A 40 -13.73 5.00 16.27
CA THR A 40 -13.38 4.62 17.64
CA THR A 40 -13.33 4.68 17.66
C THR A 40 -11.92 4.04 17.73
N ARG A 41 -11.59 3.12 16.83
CA ARG A 41 -10.22 2.52 16.87
C ARG A 41 -9.18 3.59 16.47
N GLY A 42 -9.53 4.50 15.56
CA GLY A 42 -8.56 5.56 15.15
C GLY A 42 -8.33 6.50 16.32
N GLN A 43 -9.40 6.90 16.97
CA GLN A 43 -9.31 7.83 18.11
CA GLN A 43 -9.21 7.87 18.06
C GLN A 43 -8.53 7.21 19.28
N ALA A 44 -8.73 5.90 19.51
CA ALA A 44 -8.05 5.18 20.60
C ALA A 44 -6.55 5.19 20.25
N ALA A 45 -6.21 5.01 18.96
CA ALA A 45 -4.78 4.95 18.58
C ALA A 45 -4.16 6.35 18.72
N VAL A 46 -4.93 7.38 18.37
CA VAL A 46 -4.42 8.78 18.63
C VAL A 46 -4.18 8.97 20.13
N GLN A 47 -5.13 8.53 20.97
CA GLN A 47 -4.91 8.68 22.43
C GLN A 47 -3.66 7.89 22.88
N GLN A 48 -3.42 6.70 22.32
CA GLN A 48 -2.21 5.92 22.66
C GLN A 48 -0.95 6.77 22.34
N LEU A 49 -0.92 7.39 21.15
CA LEU A 49 0.26 8.16 20.76
C LEU A 49 0.38 9.44 21.63
N GLN A 50 -0.77 10.06 21.94
CA GLN A 50 -0.74 11.29 22.82
C GLN A 50 -0.16 10.89 24.18
N ALA A 51 -0.42 9.66 24.63
CA ALA A 51 0.17 9.18 25.96
C ALA A 51 1.72 9.04 25.87
N GLU A 52 2.22 8.99 24.64
CA GLU A 52 3.71 8.91 24.40
C GLU A 52 4.28 10.32 24.17
N GLY A 53 3.41 11.35 24.23
CA GLY A 53 3.92 12.71 24.00
C GLY A 53 3.77 13.20 22.55
N LEU A 54 3.05 12.45 21.69
CA LEU A 54 2.96 12.83 20.28
C LEU A 54 1.60 13.44 19.97
N SER A 55 1.46 14.06 18.79
CA SER A 55 0.24 14.82 18.46
C SER A 55 -0.25 14.56 17.04
N PRO A 56 -0.61 13.30 16.75
CA PRO A 56 -1.16 13.04 15.41
C PRO A 56 -2.53 13.67 15.27
N ARG A 57 -2.84 14.08 14.04
CA ARG A 57 -4.21 14.44 13.70
C ARG A 57 -5.00 13.10 13.34
N PHE A 58 -6.34 13.19 13.22
CA PHE A 58 -7.09 12.02 12.82
C PHE A 58 -8.07 12.41 11.66
N HIS A 59 -8.23 11.48 10.71
CA HIS A 59 -9.37 11.63 9.82
C HIS A 59 -9.83 10.23 9.46
N GLN A 60 -11.14 10.03 9.39
CA GLN A 60 -11.65 8.68 9.01
C GLN A 60 -11.29 8.36 7.54
N LEU A 61 -11.05 7.08 7.25
CA LEU A 61 -10.81 6.67 5.84
C LEU A 61 -11.02 5.18 5.77
N ASP A 62 -12.02 4.79 4.95
CA ASP A 62 -12.27 3.39 4.65
C ASP A 62 -11.94 3.30 3.12
N ILE A 63 -10.82 2.64 2.78
CA ILE A 63 -10.39 2.67 1.36
C ILE A 63 -11.35 1.92 0.44
N ASP A 64 -12.34 1.20 1.03
CA ASP A 64 -13.33 0.50 0.19
C ASP A 64 -14.58 1.38 -0.11
N ASP A 65 -14.56 2.63 0.45
CA ASP A 65 -15.73 3.53 0.27
C ASP A 65 -15.24 4.72 -0.48
N LEU A 66 -15.59 4.82 -1.78
CA LEU A 66 -15.05 5.95 -2.58
C LEU A 66 -15.47 7.33 -1.98
N GLN A 67 -16.64 7.39 -1.32
CA GLN A 67 -17.07 8.65 -0.72
CA GLN A 67 -17.04 8.70 -0.75
C GLN A 67 -16.16 9.05 0.48
N SER A 68 -15.75 8.03 1.25
CA SER A 68 -14.82 8.26 2.34
C SER A 68 -13.48 8.79 1.77
N ILE A 69 -13.00 8.19 0.68
CA ILE A 69 -11.73 8.66 0.06
C ILE A 69 -11.90 10.11 -0.44
N ARG A 70 -13.05 10.39 -1.08
CA ARG A 70 -13.24 11.75 -1.61
C ARG A 70 -13.38 12.77 -0.50
N ALA A 71 -14.06 12.40 0.61
CA ALA A 71 -14.16 13.30 1.79
C ALA A 71 -12.75 13.64 2.33
N LEU A 72 -11.85 12.64 2.37
CA LEU A 72 -10.50 12.89 2.84
C LEU A 72 -9.77 13.80 1.84
N ARG A 73 -9.92 13.53 0.55
CA ARG A 73 -9.34 14.41 -0.51
C ARG A 73 -9.77 15.84 -0.30
N ASP A 74 -11.09 16.04 -0.11
CA ASP A 74 -11.56 17.42 0.04
C ASP A 74 -10.99 18.11 1.32
N PHE A 75 -10.88 17.33 2.40
CA PHE A 75 -10.30 17.84 3.64
C PHE A 75 -8.84 18.24 3.44
N LEU A 76 -8.09 17.38 2.79
CA LEU A 76 -6.67 17.76 2.55
C LEU A 76 -6.52 19.00 1.68
N ARG A 77 -7.34 19.10 0.61
CA ARG A 77 -7.28 20.32 -0.27
C ARG A 77 -7.63 21.55 0.61
N LYS A 78 -8.70 21.46 1.41
CA LYS A 78 -9.17 22.63 2.19
C LYS A 78 -8.15 23.01 3.24
N GLU A 79 -7.66 22.04 3.99
CA GLU A 79 -6.83 22.35 5.17
C GLU A 79 -5.35 22.60 4.82
N TYR A 80 -4.85 21.88 3.81
CA TYR A 80 -3.40 21.93 3.49
C TYR A 80 -3.07 22.36 2.05
N GLY A 81 -4.07 22.39 1.15
CA GLY A 81 -3.82 22.64 -0.27
C GLY A 81 -3.17 21.48 -1.00
N GLY A 82 -3.22 20.27 -0.42
CA GLY A 82 -2.63 19.13 -1.07
C GLY A 82 -2.08 18.22 0.03
N LEU A 83 -1.02 17.47 -0.35
CA LEU A 83 -0.54 16.38 0.54
C LEU A 83 0.95 16.20 0.22
N ASP A 84 1.79 16.07 1.27
CA ASP A 84 3.22 15.87 0.99
C ASP A 84 3.60 14.37 0.99
N VAL A 85 3.10 13.60 1.97
CA VAL A 85 3.54 12.17 2.09
C VAL A 85 2.25 11.32 2.20
N LEU A 86 2.19 10.25 1.36
CA LEU A 86 1.05 9.36 1.43
C LEU A 86 1.66 7.96 1.64
N VAL A 87 1.22 7.29 2.71
CA VAL A 87 1.63 5.89 2.94
C VAL A 87 0.35 5.04 2.80
N ASN A 88 0.29 4.28 1.72
CA ASN A 88 -0.83 3.33 1.53
C ASN A 88 -0.47 2.01 2.24
N ASN A 89 -0.87 1.92 3.50
CA ASN A 89 -0.52 0.76 4.33
C ASN A 89 -1.68 -0.21 4.50
N ALA A 90 -2.94 0.32 4.50
CA ALA A 90 -4.06 -0.56 4.81
C ALA A 90 -4.01 -1.85 3.91
N GLY A 91 -4.35 -2.99 4.51
CA GLY A 91 -4.43 -4.24 3.71
C GLY A 91 -5.06 -5.29 4.61
N ILE A 92 -5.53 -6.36 3.95
CA ILE A 92 -6.12 -7.47 4.68
C ILE A 92 -5.61 -8.78 4.10
N ALA A 93 -5.83 -9.84 4.86
CA ALA A 93 -5.36 -11.16 4.43
C ALA A 93 -6.19 -12.22 5.17
N PHE A 94 -6.12 -13.46 4.72
CA PHE A 94 -6.70 -14.57 5.46
C PHE A 94 -5.57 -15.26 6.26
N LYS A 95 -5.91 -15.92 7.33
CA LYS A 95 -4.90 -16.56 8.19
C LYS A 95 -4.28 -17.73 7.48
N VAL A 96 -3.09 -18.13 7.94
CA VAL A 96 -2.48 -19.36 7.43
C VAL A 96 -3.49 -20.52 7.56
N ALA A 97 -3.63 -21.31 6.48
CA ALA A 97 -4.49 -22.53 6.51
C ALA A 97 -5.98 -22.18 6.69
N ASP A 98 -6.38 -20.93 6.42
CA ASP A 98 -7.79 -20.60 6.59
C ASP A 98 -8.63 -21.40 5.56
N PRO A 99 -9.73 -22.03 6.04
CA PRO A 99 -10.49 -22.91 5.15
C PRO A 99 -11.44 -22.15 4.20
N THR A 100 -11.48 -20.80 4.21
CA THR A 100 -12.39 -20.08 3.31
C THR A 100 -12.03 -20.44 1.88
N PRO A 101 -13.01 -20.73 1.05
CA PRO A 101 -12.73 -21.09 -0.37
C PRO A 101 -11.85 -20.06 -1.07
N PHE A 102 -11.01 -20.59 -1.94
CA PHE A 102 -9.99 -19.73 -2.62
C PHE A 102 -10.66 -18.58 -3.40
N HIS A 103 -11.81 -18.82 -4.08
CA HIS A 103 -12.40 -17.72 -4.87
C HIS A 103 -12.92 -16.63 -3.93
N ILE A 104 -13.36 -16.97 -2.72
CA ILE A 104 -13.84 -15.95 -1.79
C ILE A 104 -12.58 -15.20 -1.27
N GLN A 105 -11.49 -15.93 -0.96
CA GLN A 105 -10.29 -15.19 -0.52
C GLN A 105 -9.84 -14.20 -1.61
N ALA A 106 -9.91 -14.63 -2.87
CA ALA A 106 -9.49 -13.79 -4.01
C ALA A 106 -10.38 -12.53 -4.07
N GLU A 107 -11.72 -12.69 -4.06
CA GLU A 107 -12.55 -11.52 -4.20
C GLU A 107 -12.39 -10.56 -3.03
N VAL A 108 -12.23 -11.12 -1.82
CA VAL A 108 -12.24 -10.27 -0.65
C VAL A 108 -10.89 -9.52 -0.57
N THR A 109 -9.78 -10.24 -0.76
CA THR A 109 -8.48 -9.57 -0.69
CA THR A 109 -8.48 -9.53 -0.70
C THR A 109 -8.29 -8.53 -1.83
N MET A 110 -8.73 -8.90 -3.05
CA MET A 110 -8.54 -8.03 -4.20
C MET A 110 -9.29 -6.70 -4.04
N LYS A 111 -10.51 -6.76 -3.47
CA LYS A 111 -11.37 -5.58 -3.34
CA LYS A 111 -11.33 -5.56 -3.42
C LYS A 111 -10.61 -4.51 -2.56
N THR A 112 -10.03 -4.91 -1.41
CA THR A 112 -9.33 -3.91 -0.52
C THR A 112 -7.93 -3.65 -1.03
N ASN A 113 -7.12 -4.71 -1.13
CA ASN A 113 -5.69 -4.49 -1.26
C ASN A 113 -5.34 -3.89 -2.63
N PHE A 114 -6.03 -4.32 -3.68
CA PHE A 114 -5.71 -3.76 -5.02
C PHE A 114 -6.70 -2.60 -5.27
N PHE A 115 -8.03 -2.91 -5.34
CA PHE A 115 -8.90 -1.81 -5.83
C PHE A 115 -9.05 -0.64 -4.82
N GLY A 116 -9.00 -0.94 -3.52
CA GLY A 116 -9.08 0.15 -2.54
C GLY A 116 -7.85 1.02 -2.61
N THR A 117 -6.65 0.36 -2.56
CA THR A 117 -5.41 1.18 -2.70
C THR A 117 -5.46 1.96 -4.02
N ARG A 118 -5.86 1.35 -5.13
CA ARG A 118 -5.88 2.07 -6.37
C ARG A 118 -6.81 3.29 -6.27
N ASP A 119 -7.99 3.16 -5.64
CA ASP A 119 -8.87 4.33 -5.56
C ASP A 119 -8.22 5.45 -4.72
N VAL A 120 -7.49 5.08 -3.65
CA VAL A 120 -6.80 6.15 -2.86
C VAL A 120 -5.79 6.84 -3.80
N THR A 122 -5.88 7.09 -7.08
CA THR A 122 -6.61 7.87 -8.11
C THR A 122 -6.96 9.26 -7.49
N GLU A 123 -7.50 9.25 -6.26
CA GLU A 123 -8.02 10.50 -5.67
C GLU A 123 -6.89 11.38 -5.11
N LEU A 124 -5.83 10.78 -4.54
CA LEU A 124 -4.86 11.55 -3.79
C LEU A 124 -3.58 11.86 -4.57
N LEU A 125 -3.22 11.03 -5.59
CA LEU A 125 -1.99 11.34 -6.31
C LEU A 125 -2.03 12.83 -6.85
N PRO A 126 -3.17 13.33 -7.38
CA PRO A 126 -3.14 14.72 -7.94
C PRO A 126 -2.80 15.76 -6.83
N LEU A 127 -3.04 15.41 -5.53
CA LEU A 127 -2.79 16.34 -4.45
C LEU A 127 -1.29 16.38 -4.06
N ILE A 128 -0.51 15.39 -4.51
CA ILE A 128 0.87 15.32 -4.01
C ILE A 128 1.67 16.55 -4.44
N LYS A 129 2.33 17.20 -3.46
CA LYS A 129 3.08 18.40 -3.76
C LYS A 129 4.50 18.08 -4.27
N PRO A 130 5.19 19.05 -4.90
CA PRO A 130 6.61 18.82 -5.27
C PRO A 130 7.40 18.39 -4.01
N GLN A 131 8.39 17.53 -4.22
CA GLN A 131 9.24 16.96 -3.13
C GLN A 131 8.38 16.01 -2.27
N GLY A 132 7.13 15.67 -2.71
CA GLY A 132 6.31 14.69 -1.95
C GLY A 132 6.83 13.26 -2.11
N ARG A 133 6.36 12.33 -1.25
CA ARG A 133 6.74 10.93 -1.37
C ARG A 133 5.49 10.10 -1.19
N VAL A 134 5.41 9.02 -1.96
CA VAL A 134 4.28 8.09 -1.84
C VAL A 134 4.89 6.70 -1.65
N VAL A 135 4.33 5.98 -0.66
CA VAL A 135 4.84 4.67 -0.29
C VAL A 135 3.68 3.69 -0.32
N ASN A 136 3.74 2.67 -1.20
CA ASN A 136 2.70 1.65 -1.20
C ASN A 136 3.22 0.36 -0.53
N VAL A 137 2.54 -0.07 0.54
CA VAL A 137 3.04 -1.24 1.30
C VAL A 137 2.57 -2.54 0.53
N SER A 138 3.54 -3.22 -0.02
CA SER A 138 3.32 -4.46 -0.73
C SER A 138 3.78 -5.63 0.20
N SER A 139 4.37 -6.68 -0.36
CA SER A 139 4.83 -7.82 0.45
C SER A 139 5.74 -8.68 -0.35
N ILE A 140 6.70 -9.31 0.35
CA ILE A 140 7.56 -10.32 -0.34
C ILE A 140 6.66 -11.52 -0.82
N MET A 141 5.39 -11.63 -0.35
CA MET A 141 4.52 -12.71 -0.91
C MET A 141 4.27 -12.38 -2.43
N SER A 142 4.44 -11.12 -2.87
CA SER A 142 4.22 -10.83 -4.29
C SER A 142 5.30 -11.55 -5.15
N VAL A 143 6.51 -11.73 -4.58
CA VAL A 143 7.63 -12.41 -5.33
C VAL A 143 7.35 -13.88 -5.48
N ARG A 144 6.92 -14.55 -4.38
CA ARG A 144 6.54 -15.94 -4.44
C ARG A 144 5.39 -16.11 -5.45
N ALA A 145 4.45 -15.15 -5.44
CA ALA A 145 3.30 -15.30 -6.35
C ALA A 145 3.83 -15.09 -7.81
N LEU A 146 4.61 -14.03 -8.03
CA LEU A 146 5.11 -13.75 -9.40
C LEU A 146 5.89 -14.97 -9.97
N LYS A 147 6.76 -15.59 -9.15
CA LYS A 147 7.60 -16.66 -9.67
C LYS A 147 6.79 -17.88 -9.99
N SER A 148 5.57 -17.99 -9.43
CA SER A 148 4.70 -19.16 -9.63
CA SER A 148 4.76 -19.20 -9.70
C SER A 148 3.71 -18.94 -10.79
N CYS A 149 3.72 -17.69 -11.32
CA CYS A 149 2.89 -17.42 -12.49
C CYS A 149 3.46 -18.13 -13.76
N SER A 150 2.63 -18.29 -14.77
CA SER A 150 3.12 -18.82 -16.06
C SER A 150 4.18 -17.80 -16.59
N PRO A 151 5.07 -18.25 -17.47
CA PRO A 151 6.02 -17.30 -18.08
C PRO A 151 5.28 -16.14 -18.79
N GLU A 152 4.13 -16.40 -19.45
CA GLU A 152 3.40 -15.28 -20.12
C GLU A 152 2.92 -14.25 -19.07
N LEU A 153 2.39 -14.73 -17.91
CA LEU A 153 1.93 -13.74 -16.88
C LEU A 153 3.14 -13.02 -16.28
N GLN A 154 4.25 -13.72 -16.09
CA GLN A 154 5.44 -13.06 -15.55
C GLN A 154 5.88 -11.93 -16.49
N GLN A 155 5.89 -12.21 -17.82
CA GLN A 155 6.27 -11.16 -18.79
CA GLN A 155 6.28 -11.14 -18.74
C GLN A 155 5.32 -9.96 -18.64
N LYS A 156 4.01 -10.22 -18.54
CA LYS A 156 3.02 -9.08 -18.43
C LYS A 156 3.32 -8.29 -17.16
N PHE A 157 3.52 -8.99 -16.02
CA PHE A 157 3.69 -8.27 -14.76
C PHE A 157 5.08 -7.57 -14.64
N ARG A 158 6.07 -8.02 -15.41
CA ARG A 158 7.38 -7.33 -15.41
C ARG A 158 7.45 -6.23 -16.48
N SER A 159 6.43 -6.08 -17.32
CA SER A 159 6.55 -5.16 -18.44
C SER A 159 6.78 -3.71 -17.97
N GLU A 160 7.69 -3.01 -18.62
CA GLU A 160 7.91 -1.58 -18.32
C GLU A 160 6.93 -0.63 -19.04
N THR A 161 5.93 -1.21 -19.78
CA THR A 161 5.01 -0.38 -20.56
C THR A 161 3.53 -0.69 -20.24
N ILE A 162 3.31 -1.63 -19.31
CA ILE A 162 1.94 -1.99 -18.95
C ILE A 162 1.17 -0.75 -18.49
N THR A 163 -0.10 -0.63 -18.89
CA THR A 163 -0.90 0.52 -18.42
C THR A 163 -1.69 0.12 -17.18
N GLU A 164 -2.25 1.14 -16.48
CA GLU A 164 -3.09 0.83 -15.32
C GLU A 164 -4.30 -0.02 -15.77
N GLU A 165 -4.90 0.35 -16.92
CA GLU A 165 -6.11 -0.39 -17.36
C GLU A 165 -5.78 -1.88 -17.67
N GLU A 166 -4.58 -2.09 -18.26
CA GLU A 166 -4.17 -3.50 -18.51
C GLU A 166 -3.99 -4.25 -17.17
N LEU A 167 -3.43 -3.53 -16.17
CA LEU A 167 -3.21 -4.20 -14.85
C LEU A 167 -4.59 -4.51 -14.20
N VAL A 168 -5.53 -3.54 -14.29
CA VAL A 168 -6.89 -3.77 -13.74
C VAL A 168 -7.51 -5.03 -14.38
N GLY A 169 -7.31 -5.17 -15.71
CA GLY A 169 -7.87 -6.35 -16.43
C GLY A 169 -7.26 -7.61 -15.85
N LEU A 170 -5.94 -7.60 -15.61
CA LEU A 170 -5.30 -8.83 -15.05
C LEU A 170 -5.86 -9.14 -13.63
N MET A 171 -5.97 -8.13 -12.76
CA MET A 171 -6.43 -8.37 -11.39
C MET A 171 -7.87 -8.94 -11.43
N ASN A 172 -8.73 -8.34 -12.27
CA ASN A 172 -10.12 -8.87 -12.39
C ASN A 172 -10.11 -10.28 -13.00
N LYS A 173 -9.19 -10.54 -13.94
CA LYS A 173 -9.13 -11.87 -14.55
C LYS A 173 -8.76 -12.95 -13.51
N PHE A 174 -7.81 -12.65 -12.64
CA PHE A 174 -7.44 -13.60 -11.55
C PHE A 174 -8.71 -13.91 -10.76
N VAL A 175 -9.43 -12.86 -10.28
CA VAL A 175 -10.60 -13.13 -9.44
C VAL A 175 -11.63 -14.01 -10.23
N GLU A 176 -11.91 -13.62 -11.47
CA GLU A 176 -12.94 -14.37 -12.19
CA GLU A 176 -12.90 -14.36 -12.29
C GLU A 176 -12.46 -15.80 -12.50
N ASP A 177 -11.17 -15.98 -12.79
CA ASP A 177 -10.64 -17.33 -13.09
C ASP A 177 -10.77 -18.20 -11.84
N THR A 178 -10.61 -17.65 -10.62
CA THR A 178 -10.79 -18.52 -9.44
C THR A 178 -12.27 -18.95 -9.32
N LYS A 179 -13.19 -18.08 -9.70
CA LYS A 179 -14.63 -18.39 -9.54
C LYS A 179 -14.98 -19.49 -10.52
N LYS A 180 -14.34 -19.43 -11.71
CA LYS A 180 -14.65 -20.41 -12.81
CA LYS A 180 -14.56 -20.37 -12.84
C LYS A 180 -13.86 -21.72 -12.62
N GLY A 181 -12.97 -21.77 -11.61
CA GLY A 181 -12.24 -23.02 -11.44
C GLY A 181 -11.17 -23.30 -12.48
N VAL A 182 -10.60 -22.23 -13.06
CA VAL A 182 -9.63 -22.42 -14.14
C VAL A 182 -8.29 -21.69 -13.84
N HIS A 183 -8.06 -21.27 -12.56
CA HIS A 183 -6.93 -20.36 -12.36
C HIS A 183 -5.60 -21.09 -12.62
N GLN A 184 -5.50 -22.39 -12.32
CA GLN A 184 -4.22 -23.12 -12.65
C GLN A 184 -3.93 -23.15 -14.15
N LYS A 185 -4.92 -23.57 -14.95
CA LYS A 185 -4.74 -23.62 -16.44
C LYS A 185 -4.43 -22.27 -17.01
N GLU A 186 -4.95 -21.23 -16.36
CA GLU A 186 -4.74 -19.87 -16.87
C GLU A 186 -3.42 -19.22 -16.40
N GLY A 187 -2.62 -19.95 -15.63
CA GLY A 187 -1.26 -19.55 -15.33
C GLY A 187 -1.08 -18.83 -13.99
N TRP A 188 -2.13 -18.82 -13.16
CA TRP A 188 -2.07 -18.07 -11.90
C TRP A 188 -1.44 -18.91 -10.80
N PRO A 189 -0.86 -18.24 -9.81
CA PRO A 189 -0.26 -18.92 -8.64
C PRO A 189 -1.40 -19.18 -7.63
N SER A 190 -1.08 -19.80 -6.51
CA SER A 190 -2.26 -20.19 -5.69
CA SER A 190 -2.10 -20.29 -5.58
C SER A 190 -2.26 -19.42 -4.34
N SER A 191 -1.63 -18.20 -4.27
CA SER A 191 -1.87 -17.30 -3.12
C SER A 191 -2.69 -16.09 -3.60
N ALA A 192 -3.91 -16.01 -3.10
CA ALA A 192 -4.81 -14.91 -3.53
C ALA A 192 -4.23 -13.57 -3.01
N TYR A 193 -3.82 -13.53 -1.73
CA TYR A 193 -3.20 -12.27 -1.19
C TYR A 193 -1.96 -11.93 -2.02
N GLY A 194 -1.12 -12.93 -2.38
CA GLY A 194 0.10 -12.60 -3.11
C GLY A 194 -0.21 -11.99 -4.47
N VAL A 195 -1.27 -12.44 -5.15
CA VAL A 195 -1.62 -11.78 -6.43
C VAL A 195 -2.07 -10.34 -6.18
N THR A 196 -2.80 -10.04 -5.06
CA THR A 196 -3.19 -8.63 -4.83
C THR A 196 -1.92 -7.81 -4.65
N LYS A 197 -0.87 -8.41 -4.02
CA LYS A 197 0.35 -7.64 -3.79
C LYS A 197 1.20 -7.52 -5.09
N ILE A 198 1.14 -8.51 -6.00
CA ILE A 198 1.63 -8.26 -7.35
C ILE A 198 0.95 -6.97 -7.90
N GLY A 199 -0.38 -6.88 -7.74
CA GLY A 199 -1.11 -5.69 -8.18
C GLY A 199 -0.54 -4.43 -7.56
N VAL A 200 -0.33 -4.43 -6.22
CA VAL A 200 0.19 -3.19 -5.54
C VAL A 200 1.60 -2.88 -6.11
N THR A 201 2.47 -3.89 -6.20
CA THR A 201 3.83 -3.62 -6.72
CA THR A 201 3.80 -3.53 -6.71
C THR A 201 3.76 -3.01 -8.16
N VAL A 202 2.96 -3.67 -9.05
CA VAL A 202 2.97 -3.22 -10.49
C VAL A 202 2.29 -1.84 -10.59
N LEU A 203 1.21 -1.63 -9.79
CA LEU A 203 0.52 -0.30 -9.77
C LEU A 203 1.54 0.79 -9.40
N SER A 204 2.44 0.46 -8.42
CA SER A 204 3.44 1.44 -7.99
C SER A 204 4.39 1.77 -9.19
N ARG A 205 4.84 0.74 -9.89
CA ARG A 205 5.71 0.95 -11.07
C ARG A 205 5.04 1.84 -12.12
N ILE A 206 3.77 1.59 -12.36
CA ILE A 206 2.99 2.33 -13.41
C ILE A 206 2.92 3.80 -12.89
N HIS A 207 2.52 3.99 -11.59
CA HIS A 207 2.35 5.35 -11.12
C HIS A 207 3.65 6.13 -11.05
N ALA A 208 4.78 5.46 -10.73
CA ALA A 208 6.07 6.12 -10.72
C ALA A 208 6.42 6.58 -12.19
N ARG A 209 6.16 5.69 -13.18
CA ARG A 209 6.44 6.07 -14.56
C ARG A 209 5.58 7.29 -14.94
N LYS A 210 4.31 7.32 -14.54
CA LYS A 210 3.40 8.45 -14.89
C LYS A 210 3.94 9.76 -14.27
N LEU A 211 4.39 9.69 -13.04
CA LEU A 211 4.92 10.89 -12.36
C LEU A 211 6.17 11.39 -13.12
N SER A 212 7.07 10.47 -13.51
CA SER A 212 8.26 10.86 -14.25
C SER A 212 7.91 11.52 -15.57
N GLU A 213 6.85 11.03 -16.23
CA GLU A 213 6.52 11.49 -17.59
C GLU A 213 5.80 12.78 -17.50
N GLN A 214 4.91 12.93 -16.52
CA GLN A 214 4.00 14.09 -16.48
C GLN A 214 4.38 15.18 -15.51
N ARG A 215 5.16 14.80 -14.46
CA ARG A 215 5.56 15.76 -13.41
C ARG A 215 7.05 15.83 -13.27
N LYS A 216 7.75 15.76 -14.41
CA LYS A 216 9.20 15.80 -14.42
C LYS A 216 9.56 17.19 -13.75
N GLY A 217 10.49 17.15 -12.88
CA GLY A 217 10.90 18.37 -12.29
C GLY A 217 10.28 18.54 -10.93
N ASP A 218 9.15 17.81 -10.62
CA ASP A 218 8.54 18.05 -9.29
C ASP A 218 9.15 17.22 -8.16
N LYS A 219 10.08 16.35 -8.51
CA LYS A 219 10.95 15.68 -7.54
C LYS A 219 10.13 14.76 -6.62
N ILE A 220 8.99 14.26 -7.11
CA ILE A 220 8.22 13.31 -6.29
C ILE A 220 8.76 11.90 -6.46
N LEU A 221 8.84 11.11 -5.36
CA LEU A 221 9.38 9.74 -5.39
C LEU A 221 8.27 8.82 -4.91
N LEU A 222 8.03 7.75 -5.64
CA LEU A 222 6.94 6.82 -5.30
C LEU A 222 7.50 5.41 -5.43
N ASN A 223 7.35 4.62 -4.34
CA ASN A 223 7.91 3.27 -4.33
C ASN A 223 6.97 2.30 -3.64
N ALA A 224 7.10 1.02 -4.02
CA ALA A 224 6.49 -0.08 -3.29
C ALA A 224 7.48 -0.63 -2.31
N CYS A 225 6.97 -1.21 -1.23
CA CYS A 225 7.91 -1.79 -0.28
C CYS A 225 7.41 -3.07 0.41
N CYS A 226 8.37 -3.78 1.00
CA CYS A 226 8.06 -4.98 1.77
C CYS A 226 8.52 -4.65 3.21
N PRO A 227 7.64 -4.70 4.23
CA PRO A 227 8.01 -4.39 5.61
C PRO A 227 8.72 -5.54 6.35
N GLY A 228 8.67 -6.77 5.78
CA GLY A 228 9.12 -8.00 6.45
C GLY A 228 8.01 -8.62 7.24
N TRP A 229 8.34 -9.72 7.94
CA TRP A 229 7.31 -10.48 8.66
C TRP A 229 7.19 -9.84 10.06
N VAL A 230 6.01 -9.31 10.39
CA VAL A 230 5.85 -8.41 11.54
C VAL A 230 4.74 -8.91 12.44
N ARG A 231 4.97 -8.79 13.76
CA ARG A 231 4.01 -9.31 14.74
C ARG A 231 2.83 -8.32 14.82
N THR A 232 1.81 -8.66 14.07
CA THR A 232 0.58 -7.87 14.05
C THR A 232 -0.61 -8.81 13.98
N ASP A 233 -1.83 -8.28 14.00
CA ASP A 233 -2.99 -9.14 13.92
C ASP A 233 -3.06 -9.90 12.61
N MET A 234 -2.39 -9.40 11.55
CA MET A 234 -2.35 -10.13 10.28
C MET A 234 -1.50 -11.40 10.39
N ALA A 235 -0.45 -11.35 11.19
CA ALA A 235 0.56 -12.40 11.24
C ALA A 235 0.37 -13.05 12.58
N GLY A 236 1.38 -13.09 13.46
CA GLY A 236 1.24 -13.78 14.74
C GLY A 236 2.51 -13.53 15.48
N PRO A 237 2.55 -14.02 16.75
CA PRO A 237 3.66 -13.71 17.67
C PRO A 237 5.01 -14.35 17.31
N LYS A 238 4.97 -15.31 16.37
CA LYS A 238 6.22 -15.88 15.86
C LYS A 238 6.98 -14.97 14.89
N ALA A 239 6.28 -13.92 14.38
CA ALA A 239 6.85 -13.11 13.28
C ALA A 239 8.17 -12.48 13.80
N THR A 240 9.06 -12.23 12.87
CA THR A 240 10.42 -11.81 13.17
C THR A 240 10.48 -10.40 13.80
N LYS A 241 9.66 -9.50 13.25
CA LYS A 241 9.85 -8.08 13.54
C LYS A 241 8.76 -7.53 14.48
N SER A 242 9.12 -6.53 15.30
CA SER A 242 8.10 -5.73 15.94
C SER A 242 7.45 -4.83 14.90
N PRO A 243 6.28 -4.25 15.23
CA PRO A 243 5.74 -3.18 14.34
C PRO A 243 6.74 -2.02 14.11
N GLU A 244 7.48 -1.61 15.16
CA GLU A 244 8.49 -0.51 15.05
C GLU A 244 9.54 -0.94 14.00
N GLU A 245 10.00 -2.22 14.05
CA GLU A 245 10.96 -2.63 13.05
C GLU A 245 10.30 -2.70 11.68
N GLY A 246 9.07 -3.21 11.58
CA GLY A 246 8.40 -3.31 10.26
C GLY A 246 8.25 -1.93 9.61
N ALA A 247 8.06 -0.86 10.43
CA ALA A 247 7.91 0.46 9.91
C ALA A 247 9.17 1.04 9.26
N GLU A 248 10.34 0.39 9.50
CA GLU A 248 11.59 1.12 9.06
C GLU A 248 11.66 1.43 7.56
N THR A 249 11.38 0.43 6.72
CA THR A 249 11.51 0.70 5.28
C THR A 249 10.44 1.69 4.79
N PRO A 250 9.17 1.51 5.20
CA PRO A 250 8.19 2.54 4.78
C PRO A 250 8.58 3.98 5.23
N VAL A 251 9.08 4.14 6.47
CA VAL A 251 9.47 5.45 6.95
C VAL A 251 10.64 6.01 6.11
N TYR A 252 11.64 5.15 5.84
CA TYR A 252 12.75 5.51 4.99
C TYR A 252 12.26 6.07 3.65
N LEU A 253 11.31 5.38 3.06
CA LEU A 253 10.82 5.78 1.71
C LEU A 253 9.98 7.07 1.81
N ALA A 254 9.30 7.27 2.96
CA ALA A 254 8.45 8.47 3.14
C ALA A 254 9.30 9.75 3.32
N LEU A 255 10.53 9.54 3.85
CA LEU A 255 11.34 10.70 4.36
C LEU A 255 12.59 10.87 3.49
N LEU A 256 12.61 10.29 2.26
CA LEU A 256 13.85 10.42 1.40
C LEU A 256 14.13 11.94 1.26
N PRO A 257 15.41 12.33 1.38
CA PRO A 257 15.74 13.75 1.45
C PRO A 257 15.26 14.51 0.22
N PRO A 258 14.98 15.81 0.38
CA PRO A 258 14.53 16.58 -0.79
C PRO A 258 15.57 16.48 -1.92
N ASP A 259 15.09 16.55 -3.13
CA ASP A 259 15.98 16.47 -4.32
C ASP A 259 16.64 15.14 -4.55
N ALA A 260 16.44 14.09 -3.68
CA ALA A 260 16.94 12.76 -3.98
C ALA A 260 16.42 12.33 -5.35
N GLU A 261 17.28 11.64 -6.13
CA GLU A 261 16.86 11.20 -7.47
C GLU A 261 16.16 9.83 -7.45
N GLY A 262 16.31 9.13 -6.34
CA GLY A 262 15.65 7.82 -6.21
C GLY A 262 15.84 7.33 -4.76
N PRO A 263 15.37 6.14 -4.47
CA PRO A 263 14.70 5.23 -5.46
C PRO A 263 13.36 5.81 -5.92
N HIS A 264 13.01 5.44 -7.16
CA HIS A 264 11.69 5.83 -7.70
C HIS A 264 11.19 4.65 -8.55
N GLY A 265 9.93 4.25 -8.31
CA GLY A 265 9.32 3.14 -9.05
C GLY A 265 9.96 1.79 -8.64
N GLN A 266 10.62 1.73 -7.46
CA GLN A 266 11.30 0.48 -7.04
C GLN A 266 10.47 -0.32 -6.05
N PHE A 267 10.88 -1.58 -5.85
CA PHE A 267 10.28 -2.49 -4.91
C PHE A 267 11.38 -2.72 -3.85
N VAL A 268 11.16 -2.15 -2.67
CA VAL A 268 12.26 -1.93 -1.70
C VAL A 268 12.02 -2.76 -0.43
N SER A 269 13.08 -3.44 0.04
CA SER A 269 12.98 -4.26 1.26
CA SER A 269 13.00 -4.23 1.27
CA SER A 269 13.01 -4.25 1.27
C SER A 269 14.26 -3.96 2.07
N GLU A 270 14.14 -3.83 3.39
CA GLU A 270 15.33 -3.49 4.22
C GLU A 270 16.10 -2.30 3.63
N LYS A 271 15.38 -1.28 3.15
CA LYS A 271 15.93 -0.04 2.56
C LYS A 271 16.76 -0.26 1.26
N ARG A 272 16.69 -1.48 0.68
CA ARG A 272 17.51 -1.84 -0.58
C ARG A 272 16.52 -2.15 -1.72
N VAL A 273 16.86 -1.73 -2.96
CA VAL A 273 16.09 -2.07 -4.14
C VAL A 273 16.24 -3.54 -4.49
N GLU A 274 15.10 -4.25 -4.64
CA GLU A 274 15.00 -5.63 -5.12
C GLU A 274 14.65 -5.65 -6.66
N GLN A 275 15.22 -6.58 -7.46
CA GLN A 275 14.87 -6.62 -8.90
C GLN A 275 13.47 -7.23 -9.01
N TRP A 276 12.61 -6.63 -9.78
CA TRP A 276 11.32 -7.21 -9.97
C TRP A 276 11.36 -8.06 -11.29
#